data_1OR6
#
_entry.id   1OR6
#
_cell.length_a   49.453
_cell.length_b   79.724
_cell.length_c   85.146
_cell.angle_alpha   90.00
_cell.angle_beta   90.00
_cell.angle_gamma   90.00
#
_symmetry.space_group_name_H-M   'P 21 21 21'
#
loop_
_entity.id
_entity.type
_entity.pdbx_description
1 polymer 'Heme-based aerotactic transducer hemAT'
2 non-polymer 'PROTOPORPHYRIN IX CONTAINING FE'
3 water water
#
_entity_poly.entity_id   1
_entity_poly.type   'polypeptide(L)'
_entity_poly.pdbx_seq_one_letter_code
;MLFKKDRKQETAYFSDSNGQQKNRIQLTNKHADVKKQLKMVRLGDAELYVLEQLQPLIQENIVNIVDAFYKNLDHESSLM
DIINDHSSVDRLKQTLKRHIQEMFAGVIDDEFIEKRNRIASIHLRIGLLPKWYMGAFQELLLSMIDIYEASITNQQELLK
AIKATTKILNLEQQLVLE
;
_entity_poly.pdbx_strand_id   A,B
#
loop_
_chem_comp.id
_chem_comp.type
_chem_comp.name
_chem_comp.formula
HEM non-polymer 'PROTOPORPHYRIN IX CONTAINING FE' 'C34 H32 Fe N4 O4'
#
# COMPACT_ATOMS: atom_id res chain seq x y z
N THR A 11 14.22 -25.61 -10.10
CA THR A 11 15.25 -24.82 -9.35
C THR A 11 14.60 -23.72 -8.49
N ALA A 12 15.35 -22.68 -8.20
CA ALA A 12 14.83 -21.58 -7.40
C ALA A 12 14.95 -20.30 -8.22
N TYR A 13 14.27 -19.24 -7.77
CA TYR A 13 14.29 -17.97 -8.48
C TYR A 13 15.29 -17.00 -7.88
N PHE A 14 14.99 -16.52 -6.69
CA PHE A 14 15.89 -15.58 -6.04
C PHE A 14 17.18 -16.31 -5.70
N SER A 15 18.15 -15.55 -5.21
CA SER A 15 19.44 -16.11 -4.85
C SER A 15 19.71 -15.85 -3.38
N ASP A 16 19.64 -16.89 -2.56
CA ASP A 16 19.88 -16.75 -1.13
C ASP A 16 21.35 -16.49 -0.85
N SER A 17 21.72 -15.21 -0.74
CA SER A 17 23.11 -14.82 -0.49
C SER A 17 23.28 -13.88 0.68
N ASN A 18 23.71 -14.41 1.80
CA ASN A 18 23.92 -13.58 2.97
C ASN A 18 25.13 -12.69 2.67
N GLY A 19 25.07 -11.44 3.12
CA GLY A 19 26.18 -10.54 2.88
C GLY A 19 26.05 -9.74 1.61
N GLN A 20 25.46 -10.33 0.58
CA GLN A 20 25.25 -9.63 -0.69
C GLN A 20 23.99 -8.81 -0.50
N GLN A 21 23.66 -8.60 0.77
CA GLN A 21 22.48 -7.85 1.15
C GLN A 21 22.84 -6.65 2.03
N LYS A 22 23.83 -6.84 2.90
CA LYS A 22 24.27 -5.79 3.82
C LYS A 22 24.48 -4.41 3.22
N ASN A 23 24.46 -3.39 4.08
CA ASN A 23 24.66 -2.01 3.64
C ASN A 23 23.85 -1.55 2.44
N ARG A 24 22.56 -1.85 2.44
CA ARG A 24 21.70 -1.42 1.35
C ARG A 24 20.94 -0.17 1.76
N ILE A 25 20.91 0.07 3.06
CA ILE A 25 20.25 1.25 3.61
C ILE A 25 21.37 2.18 4.01
N GLN A 26 21.42 3.37 3.40
CA GLN A 26 22.47 4.34 3.68
C GLN A 26 21.95 5.78 3.78
N LEU A 27 21.42 6.15 4.95
CA LEU A 27 20.90 7.49 5.14
C LEU A 27 21.60 8.21 6.29
N THR A 28 21.58 9.54 6.27
CA THR A 28 22.21 10.34 7.30
C THR A 28 21.20 11.09 8.16
N ASN A 29 21.70 11.64 9.27
CA ASN A 29 20.87 12.39 10.21
C ASN A 29 19.70 13.16 9.57
N LYS A 30 19.95 13.87 8.48
CA LYS A 30 18.91 14.66 7.80
C LYS A 30 17.60 13.88 7.62
N HIS A 31 17.71 12.56 7.51
CA HIS A 31 16.56 11.70 7.32
C HIS A 31 16.49 10.63 8.42
N ALA A 32 16.57 11.07 9.67
CA ALA A 32 16.54 10.18 10.83
C ALA A 32 15.28 9.32 10.84
N ASP A 33 14.11 9.95 10.77
CA ASP A 33 12.84 9.24 10.78
C ASP A 33 12.74 8.09 9.78
N VAL A 34 13.09 8.37 8.52
CA VAL A 34 13.01 7.34 7.48
C VAL A 34 13.59 6.01 7.91
N LYS A 35 14.61 6.05 8.75
CA LYS A 35 15.21 4.82 9.23
C LYS A 35 14.19 4.04 10.03
N LYS A 36 13.43 4.75 10.86
CA LYS A 36 12.39 4.09 11.68
C LYS A 36 11.29 3.59 10.77
N GLN A 37 11.05 4.31 9.68
CA GLN A 37 10.02 3.94 8.72
C GLN A 37 10.39 2.66 7.97
N LEU A 38 11.65 2.57 7.52
CA LEU A 38 12.14 1.40 6.82
C LEU A 38 11.97 0.15 7.69
N LYS A 39 12.19 0.32 8.99
CA LYS A 39 12.06 -0.78 9.93
C LYS A 39 10.60 -1.09 10.28
N MET A 40 9.76 -0.07 10.25
CA MET A 40 8.36 -0.28 10.58
C MET A 40 7.61 -1.07 9.50
N VAL A 41 8.17 -1.14 8.30
CA VAL A 41 7.53 -1.89 7.21
C VAL A 41 8.30 -3.16 6.88
N ARG A 42 9.26 -3.49 7.74
CA ARG A 42 10.08 -4.67 7.56
C ARG A 42 10.80 -4.62 6.21
N LEU A 43 11.32 -3.43 5.87
CA LEU A 43 12.07 -3.23 4.64
C LEU A 43 13.53 -3.07 5.06
N GLY A 44 14.29 -4.16 4.90
CA GLY A 44 15.69 -4.17 5.26
C GLY A 44 16.60 -4.70 4.16
N ASP A 45 17.85 -5.02 4.52
CA ASP A 45 18.83 -5.52 3.56
C ASP A 45 18.35 -6.72 2.75
N ALA A 46 17.74 -7.67 3.42
CA ALA A 46 17.24 -8.85 2.72
C ALA A 46 16.17 -8.43 1.71
N GLU A 47 15.23 -7.62 2.17
CA GLU A 47 14.15 -7.14 1.32
C GLU A 47 14.62 -6.38 0.08
N LEU A 48 15.49 -5.40 0.27
CA LEU A 48 15.99 -4.60 -0.84
C LEU A 48 16.74 -5.44 -1.85
N TYR A 49 17.44 -6.45 -1.38
CA TYR A 49 18.18 -7.34 -2.26
C TYR A 49 17.14 -8.14 -3.06
N VAL A 50 15.97 -8.38 -2.46
CA VAL A 50 14.93 -9.08 -3.20
C VAL A 50 14.44 -8.18 -4.33
N LEU A 51 14.24 -6.91 -4.00
CA LEU A 51 13.77 -5.94 -4.98
C LEU A 51 14.76 -5.83 -6.14
N GLU A 52 16.05 -5.91 -5.84
CA GLU A 52 17.06 -5.83 -6.87
C GLU A 52 17.01 -7.03 -7.82
N GLN A 53 16.62 -8.20 -7.32
CA GLN A 53 16.55 -9.39 -8.17
C GLN A 53 15.27 -9.37 -9.01
N LEU A 54 14.33 -8.52 -8.61
CA LEU A 54 13.08 -8.40 -9.36
C LEU A 54 13.20 -7.33 -10.47
N GLN A 55 14.05 -6.32 -10.24
CA GLN A 55 14.22 -5.23 -11.18
C GLN A 55 14.26 -5.63 -12.65
N PRO A 56 15.09 -6.61 -13.00
CA PRO A 56 15.20 -7.07 -14.39
C PRO A 56 13.82 -7.46 -14.89
N LEU A 57 13.09 -8.15 -14.04
CA LEU A 57 11.75 -8.61 -14.36
C LEU A 57 10.78 -7.46 -14.54
N ILE A 58 10.97 -6.40 -13.76
CA ILE A 58 10.10 -5.24 -13.86
C ILE A 58 10.47 -4.45 -15.10
N GLN A 59 11.76 -4.26 -15.32
CA GLN A 59 12.22 -3.51 -16.48
C GLN A 59 11.76 -4.13 -17.78
N GLU A 60 11.67 -5.46 -17.82
CA GLU A 60 11.26 -6.15 -19.02
C GLU A 60 9.77 -6.04 -19.31
N ASN A 61 9.00 -5.58 -18.34
CA ASN A 61 7.57 -5.45 -18.55
C ASN A 61 7.08 -4.06 -18.18
N ILE A 62 8.02 -3.12 -18.01
CA ILE A 62 7.70 -1.74 -17.62
C ILE A 62 6.76 -1.06 -18.61
N VAL A 63 6.97 -1.28 -19.90
CA VAL A 63 6.10 -0.68 -20.90
C VAL A 63 4.65 -1.01 -20.57
N ASN A 64 4.34 -2.29 -20.47
CA ASN A 64 2.97 -2.66 -20.13
C ASN A 64 2.57 -2.00 -18.81
N ILE A 65 3.41 -2.13 -17.79
CA ILE A 65 3.14 -1.54 -16.48
C ILE A 65 2.66 -0.09 -16.60
N VAL A 66 3.39 0.70 -17.36
CA VAL A 66 3.05 2.10 -17.54
C VAL A 66 1.87 2.31 -18.51
N ASP A 67 1.65 1.39 -19.44
CA ASP A 67 0.50 1.56 -20.32
C ASP A 67 -0.76 1.32 -19.49
N ALA A 68 -0.76 0.26 -18.69
CA ALA A 68 -1.91 -0.03 -17.85
C ALA A 68 -2.18 1.13 -16.88
N PHE A 69 -1.10 1.76 -16.47
CA PHE A 69 -1.17 2.85 -15.53
C PHE A 69 -2.00 4.05 -16.00
N TYR A 70 -1.60 4.68 -17.09
CA TYR A 70 -2.32 5.86 -17.60
C TYR A 70 -3.68 5.51 -18.18
N LYS A 71 -3.84 4.25 -18.55
CA LYS A 71 -5.09 3.80 -19.10
C LYS A 71 -6.07 3.78 -17.94
N ASN A 72 -5.55 3.45 -16.77
CA ASN A 72 -6.37 3.36 -15.58
C ASN A 72 -6.78 4.73 -15.04
N LEU A 73 -6.00 5.75 -15.33
CA LEU A 73 -6.31 7.10 -14.88
C LEU A 73 -7.27 7.71 -15.87
N ASP A 74 -7.40 7.07 -17.02
CA ASP A 74 -8.30 7.55 -18.06
C ASP A 74 -9.75 7.31 -17.64
N HIS A 75 -9.92 6.98 -16.36
CA HIS A 75 -11.22 6.74 -15.77
C HIS A 75 -11.69 8.07 -15.19
N GLU A 76 -10.78 8.77 -14.52
CA GLU A 76 -11.10 10.05 -13.93
C GLU A 76 -10.65 11.22 -14.82
N SER A 77 -11.58 11.73 -15.61
CA SER A 77 -11.32 12.82 -16.54
C SER A 77 -10.33 13.84 -16.00
N SER A 78 -10.68 14.47 -14.89
CA SER A 78 -9.82 15.48 -14.30
C SER A 78 -8.33 15.13 -14.34
N LEU A 79 -7.99 13.92 -13.90
CA LEU A 79 -6.61 13.47 -13.90
C LEU A 79 -5.93 13.66 -15.26
N MET A 80 -6.66 13.29 -16.32
CA MET A 80 -6.16 13.41 -17.68
C MET A 80 -6.03 14.87 -18.07
N ASP A 81 -6.87 15.72 -17.47
CA ASP A 81 -6.81 17.13 -17.76
C ASP A 81 -5.57 17.70 -17.09
N ILE A 82 -5.30 17.26 -15.87
CA ILE A 82 -4.13 17.74 -15.14
C ILE A 82 -2.86 17.32 -15.90
N ILE A 83 -2.92 16.17 -16.54
CA ILE A 83 -1.79 15.68 -17.29
C ILE A 83 -1.50 16.62 -18.45
N ASN A 84 -2.50 16.81 -19.31
CA ASN A 84 -2.36 17.68 -20.48
C ASN A 84 -1.94 19.11 -20.17
N ASP A 85 -2.52 19.68 -19.11
CA ASP A 85 -2.20 21.05 -18.73
C ASP A 85 -0.72 21.27 -18.39
N HIS A 86 0.01 20.20 -18.06
CA HIS A 86 1.41 20.33 -17.68
C HIS A 86 2.43 19.53 -18.48
N SER A 87 1.98 18.52 -19.21
CA SER A 87 2.88 17.69 -20.01
C SER A 87 2.10 16.86 -21.01
N SER A 88 2.31 15.56 -20.99
CA SER A 88 1.62 14.66 -21.92
C SER A 88 1.82 13.19 -21.55
N VAL A 89 0.87 12.36 -21.96
CA VAL A 89 0.94 10.95 -21.68
C VAL A 89 2.29 10.35 -22.10
N ASP A 90 2.75 10.70 -23.29
CA ASP A 90 4.02 10.18 -23.82
C ASP A 90 5.24 10.64 -23.02
N ARG A 91 5.24 11.89 -22.58
CA ARG A 91 6.37 12.37 -21.81
C ARG A 91 6.31 11.86 -20.37
N LEU A 92 5.10 11.64 -19.88
CA LEU A 92 4.90 11.16 -18.51
C LEU A 92 5.24 9.68 -18.40
N LYS A 93 4.82 8.89 -19.38
CA LYS A 93 5.12 7.47 -19.37
C LYS A 93 6.64 7.31 -19.27
N GLN A 94 7.36 8.14 -20.01
CA GLN A 94 8.82 8.10 -20.03
C GLN A 94 9.49 8.29 -18.68
N THR A 95 9.00 9.24 -17.90
CA THR A 95 9.59 9.50 -16.60
C THR A 95 9.13 8.47 -15.59
N LEU A 96 7.98 7.86 -15.90
CA LEU A 96 7.39 6.86 -15.04
C LEU A 96 8.10 5.52 -15.16
N LYS A 97 8.49 5.17 -16.38
CA LYS A 97 9.21 3.94 -16.62
C LYS A 97 10.51 4.06 -15.84
N ARG A 98 11.00 5.29 -15.73
CA ARG A 98 12.24 5.56 -15.03
C ARG A 98 12.06 5.47 -13.52
N HIS A 99 11.12 6.22 -12.97
CA HIS A 99 10.91 6.21 -11.53
C HIS A 99 10.64 4.80 -11.02
N ILE A 100 9.80 4.06 -11.73
CA ILE A 100 9.46 2.71 -11.34
C ILE A 100 10.69 1.80 -11.34
N GLN A 101 11.58 2.02 -12.30
CA GLN A 101 12.82 1.26 -12.42
C GLN A 101 13.54 1.36 -11.09
N GLU A 102 13.96 2.59 -10.78
CA GLU A 102 14.68 2.91 -9.56
C GLU A 102 14.11 2.30 -8.29
N MET A 103 12.79 2.12 -8.23
CA MET A 103 12.17 1.55 -7.04
C MET A 103 12.75 0.18 -6.69
N PHE A 104 13.19 -0.55 -7.71
CA PHE A 104 13.75 -1.88 -7.49
C PHE A 104 15.27 -1.84 -7.57
N ALA A 105 15.85 -0.68 -7.34
CA ALA A 105 17.30 -0.53 -7.40
C ALA A 105 17.99 -1.28 -6.26
N GLY A 106 17.27 -1.49 -5.17
CA GLY A 106 17.86 -2.22 -4.06
C GLY A 106 18.76 -1.41 -3.15
N VAL A 107 18.68 -0.09 -3.26
CA VAL A 107 19.49 0.76 -2.41
C VAL A 107 18.68 1.94 -2.00
N ILE A 108 18.65 2.23 -0.72
CA ILE A 108 17.91 3.37 -0.21
C ILE A 108 18.87 4.33 0.48
N ASP A 109 19.03 5.51 -0.10
CA ASP A 109 19.92 6.53 0.44
C ASP A 109 19.31 7.93 0.36
N ASP A 110 20.00 8.92 0.92
CA ASP A 110 19.51 10.28 0.90
C ASP A 110 19.09 10.70 -0.48
N GLU A 111 19.88 10.34 -1.48
CA GLU A 111 19.54 10.74 -2.84
C GLU A 111 18.22 10.11 -3.26
N PHE A 112 17.90 8.94 -2.72
CA PHE A 112 16.67 8.28 -3.07
C PHE A 112 15.43 8.96 -2.44
N ILE A 113 15.59 9.46 -1.21
CA ILE A 113 14.49 10.15 -0.51
C ILE A 113 14.19 11.46 -1.21
N GLU A 114 15.19 12.34 -1.20
CA GLU A 114 15.10 13.67 -1.81
C GLU A 114 14.42 13.70 -3.19
N LYS A 115 14.54 12.63 -3.96
CA LYS A 115 13.90 12.59 -5.26
C LYS A 115 12.40 12.51 -5.00
N ARG A 116 12.02 11.68 -4.05
CA ARG A 116 10.61 11.53 -3.70
C ARG A 116 10.05 12.88 -3.26
N ASN A 117 10.81 13.59 -2.42
CA ASN A 117 10.40 14.92 -1.94
C ASN A 117 10.10 15.83 -3.13
N ARG A 118 10.97 15.76 -4.14
CA ARG A 118 10.78 16.56 -5.33
C ARG A 118 9.45 16.20 -6.01
N ILE A 119 9.28 14.93 -6.36
CA ILE A 119 8.04 14.53 -7.00
C ILE A 119 6.85 14.85 -6.11
N ALA A 120 7.03 14.78 -4.81
CA ALA A 120 5.94 15.11 -3.88
C ALA A 120 5.55 16.57 -4.09
N SER A 121 6.56 17.43 -4.17
CA SER A 121 6.32 18.85 -4.35
C SER A 121 5.64 19.10 -5.69
N ILE A 122 6.16 18.49 -6.74
CA ILE A 122 5.57 18.68 -8.08
C ILE A 122 4.11 18.27 -8.18
N HIS A 123 3.73 17.19 -7.53
CA HIS A 123 2.34 16.73 -7.56
C HIS A 123 1.42 17.70 -6.83
N LEU A 124 1.88 18.22 -5.69
CA LEU A 124 1.11 19.16 -4.89
C LEU A 124 0.80 20.42 -5.71
N ARG A 125 1.86 21.03 -6.26
CA ARG A 125 1.73 22.24 -7.07
C ARG A 125 0.68 22.10 -8.16
N ILE A 126 0.80 21.06 -8.99
CA ILE A 126 -0.16 20.86 -10.07
C ILE A 126 -1.57 20.50 -9.60
N GLY A 127 -1.74 20.31 -8.29
CA GLY A 127 -3.05 19.99 -7.78
C GLY A 127 -3.53 18.54 -7.82
N LEU A 128 -2.62 17.59 -7.74
CA LEU A 128 -3.00 16.18 -7.72
C LEU A 128 -3.46 15.92 -6.30
N LEU A 129 -4.73 15.55 -6.16
CA LEU A 129 -5.36 15.23 -4.87
C LEU A 129 -4.81 13.91 -4.38
N PRO A 130 -4.30 13.87 -3.14
CA PRO A 130 -3.72 12.68 -2.51
C PRO A 130 -4.50 11.38 -2.67
N LYS A 131 -5.82 11.44 -2.69
CA LYS A 131 -6.60 10.23 -2.82
C LYS A 131 -6.39 9.60 -4.19
N TRP A 132 -6.15 10.41 -5.21
CA TRP A 132 -5.95 9.86 -6.54
C TRP A 132 -4.53 9.31 -6.66
N TYR A 133 -3.67 9.65 -5.70
CA TYR A 133 -2.29 9.17 -5.72
C TYR A 133 -2.24 7.72 -5.22
N MET A 134 -2.85 7.45 -4.08
CA MET A 134 -2.87 6.10 -3.56
C MET A 134 -3.46 5.17 -4.60
N GLY A 135 -4.61 5.55 -5.13
CA GLY A 135 -5.29 4.74 -6.12
C GLY A 135 -4.44 4.39 -7.33
N ALA A 136 -3.45 5.22 -7.58
CA ALA A 136 -2.58 4.96 -8.71
C ALA A 136 -1.74 3.72 -8.41
N PHE A 137 -1.28 3.60 -7.17
CA PHE A 137 -0.45 2.45 -6.77
C PHE A 137 -1.19 1.12 -6.82
N GLN A 138 -2.48 1.12 -6.53
CA GLN A 138 -3.25 -0.12 -6.56
C GLN A 138 -3.24 -0.75 -7.95
N GLU A 139 -2.87 0.05 -8.95
CA GLU A 139 -2.78 -0.44 -10.32
C GLU A 139 -1.40 -1.02 -10.51
N LEU A 140 -0.40 -0.31 -10.02
CA LEU A 140 0.97 -0.75 -10.13
C LEU A 140 1.13 -2.12 -9.47
N LEU A 141 0.76 -2.21 -8.20
CA LEU A 141 0.84 -3.44 -7.42
C LEU A 141 0.14 -4.60 -8.07
N LEU A 142 -1.07 -4.37 -8.58
CA LEU A 142 -1.82 -5.43 -9.23
C LEU A 142 -1.10 -5.85 -10.50
N SER A 143 -0.61 -4.87 -11.25
CA SER A 143 0.07 -5.15 -12.49
C SER A 143 1.32 -5.98 -12.21
N MET A 144 2.04 -5.60 -11.17
CA MET A 144 3.26 -6.32 -10.80
C MET A 144 2.95 -7.70 -10.23
N ILE A 145 1.85 -7.82 -9.49
CA ILE A 145 1.51 -9.10 -8.91
C ILE A 145 1.40 -10.11 -10.01
N ASP A 146 0.80 -9.71 -11.12
CA ASP A 146 0.62 -10.61 -12.24
C ASP A 146 1.91 -10.91 -12.99
N ILE A 147 2.80 -9.93 -13.04
CA ILE A 147 4.09 -10.12 -13.72
C ILE A 147 4.83 -11.21 -12.96
N TYR A 148 4.75 -11.15 -11.64
CA TYR A 148 5.41 -12.12 -10.82
C TYR A 148 4.80 -13.51 -10.96
N GLU A 149 3.53 -13.62 -10.60
CA GLU A 149 2.82 -14.90 -10.63
C GLU A 149 3.05 -15.64 -11.94
N ALA A 150 3.39 -14.89 -12.97
CA ALA A 150 3.63 -15.44 -14.28
C ALA A 150 5.11 -15.77 -14.50
N SER A 151 6.01 -15.00 -13.91
CA SER A 151 7.43 -15.27 -14.11
C SER A 151 8.08 -16.07 -12.99
N ILE A 152 7.40 -16.16 -11.85
CA ILE A 152 7.90 -16.88 -10.69
C ILE A 152 6.94 -18.02 -10.35
N THR A 153 7.32 -19.24 -10.73
CA THR A 153 6.49 -20.43 -10.49
C THR A 153 6.39 -20.99 -9.06
N ASN A 154 7.50 -21.03 -8.34
CA ASN A 154 7.47 -21.55 -6.99
C ASN A 154 6.59 -20.68 -6.06
N GLN A 155 5.47 -21.24 -5.60
CA GLN A 155 4.51 -20.54 -4.74
C GLN A 155 5.08 -19.66 -3.64
N GLN A 156 5.96 -20.22 -2.81
CA GLN A 156 6.54 -19.47 -1.71
C GLN A 156 7.33 -18.22 -2.13
N GLU A 157 8.16 -18.33 -3.18
CA GLU A 157 8.94 -17.19 -3.67
C GLU A 157 8.06 -16.08 -4.29
N LEU A 158 6.85 -16.45 -4.73
CA LEU A 158 5.92 -15.50 -5.31
C LEU A 158 5.50 -14.52 -4.19
N LEU A 159 5.18 -15.06 -3.02
CA LEU A 159 4.79 -14.23 -1.89
C LEU A 159 5.98 -13.40 -1.46
N LYS A 160 7.17 -13.97 -1.58
CA LYS A 160 8.38 -13.26 -1.21
C LYS A 160 8.47 -11.98 -2.02
N ALA A 161 8.30 -12.12 -3.33
CA ALA A 161 8.36 -11.00 -4.25
C ALA A 161 7.19 -10.03 -4.03
N ILE A 162 5.98 -10.58 -3.83
CA ILE A 162 4.82 -9.75 -3.60
C ILE A 162 4.99 -8.92 -2.33
N LYS A 163 5.55 -9.53 -1.28
CA LYS A 163 5.75 -8.81 -0.03
C LYS A 163 6.71 -7.64 -0.20
N ALA A 164 7.86 -7.91 -0.82
CA ALA A 164 8.87 -6.89 -1.05
C ALA A 164 8.30 -5.64 -1.71
N THR A 165 7.59 -5.84 -2.82
CA THR A 165 6.98 -4.74 -3.54
C THR A 165 5.94 -3.93 -2.76
N THR A 166 5.05 -4.61 -2.02
CA THR A 166 4.05 -3.87 -1.24
C THR A 166 4.77 -2.97 -0.25
N LYS A 167 5.92 -3.45 0.21
CA LYS A 167 6.74 -2.71 1.16
C LYS A 167 7.30 -1.45 0.52
N ILE A 168 8.00 -1.62 -0.60
CA ILE A 168 8.59 -0.46 -1.29
C ILE A 168 7.49 0.55 -1.71
N LEU A 169 6.35 0.03 -2.15
CA LEU A 169 5.23 0.86 -2.55
C LEU A 169 4.61 1.63 -1.39
N ASN A 170 4.65 1.06 -0.19
CA ASN A 170 4.12 1.75 0.98
C ASN A 170 5.02 2.93 1.28
N LEU A 171 6.33 2.68 1.22
CA LEU A 171 7.33 3.70 1.46
C LEU A 171 7.17 4.82 0.43
N GLU A 172 6.80 4.47 -0.80
CA GLU A 172 6.60 5.49 -1.81
C GLU A 172 5.51 6.44 -1.33
N GLN A 173 4.40 5.88 -0.88
CA GLN A 173 3.30 6.69 -0.38
C GLN A 173 3.69 7.44 0.88
N GLN A 174 4.54 6.85 1.70
CA GLN A 174 4.97 7.51 2.91
C GLN A 174 5.79 8.75 2.62
N LEU A 175 6.70 8.63 1.65
CA LEU A 175 7.59 9.71 1.31
C LEU A 175 6.94 10.83 0.52
N VAL A 176 6.01 10.47 -0.37
CA VAL A 176 5.33 11.43 -1.22
C VAL A 176 4.40 12.37 -0.45
N LEU A 177 3.82 11.89 0.63
CA LEU A 177 2.93 12.75 1.40
C LEU A 177 3.45 13.02 2.79
N GLU A 178 4.75 12.84 2.97
CA GLU A 178 5.37 13.07 4.26
C GLU A 178 4.99 14.44 4.80
N ASN B 23 -24.35 -4.27 -6.27
CA ASN B 23 -25.08 -5.14 -5.35
C ASN B 23 -24.62 -4.82 -3.94
N ARG B 24 -23.33 -5.05 -3.67
CA ARG B 24 -22.72 -4.81 -2.37
C ARG B 24 -22.22 -3.39 -2.23
N ILE B 25 -22.64 -2.53 -3.14
CA ILE B 25 -22.26 -1.13 -3.10
C ILE B 25 -23.55 -0.32 -3.11
N GLN B 26 -23.82 0.39 -2.01
CA GLN B 26 -25.02 1.20 -1.89
C GLN B 26 -24.68 2.65 -1.60
N LEU B 27 -23.85 3.22 -2.46
CA LEU B 27 -23.46 4.60 -2.30
C LEU B 27 -24.44 5.51 -3.03
N THR B 28 -24.81 6.60 -2.37
CA THR B 28 -25.70 7.57 -2.99
C THR B 28 -24.82 8.60 -3.69
N ASN B 29 -25.41 9.44 -4.53
CA ASN B 29 -24.65 10.46 -5.24
C ASN B 29 -23.83 11.37 -4.31
N LYS B 30 -24.03 11.22 -3.01
CA LYS B 30 -23.29 12.00 -2.03
C LYS B 30 -21.81 11.67 -2.18
N HIS B 31 -21.54 10.45 -2.64
CA HIS B 31 -20.17 10.01 -2.80
C HIS B 31 -19.88 9.50 -4.20
N ALA B 32 -20.19 10.31 -5.19
CA ALA B 32 -19.95 9.94 -6.58
C ALA B 32 -18.47 9.68 -6.85
N ASP B 33 -17.59 10.46 -6.22
CA ASP B 33 -16.17 10.27 -6.43
C ASP B 33 -15.71 8.93 -5.88
N VAL B 34 -16.27 8.52 -4.75
CA VAL B 34 -15.87 7.24 -4.17
C VAL B 34 -16.16 6.11 -5.16
N LYS B 35 -17.22 6.27 -5.95
CA LYS B 35 -17.62 5.28 -6.94
C LYS B 35 -16.58 5.16 -8.05
N LYS B 36 -15.87 6.25 -8.31
CA LYS B 36 -14.81 6.29 -9.34
C LYS B 36 -13.57 5.60 -8.74
N GLN B 37 -13.36 5.86 -7.45
CA GLN B 37 -12.23 5.28 -6.73
C GLN B 37 -12.39 3.77 -6.68
N LEU B 38 -13.62 3.29 -6.48
CA LEU B 38 -13.87 1.86 -6.43
C LEU B 38 -13.47 1.22 -7.76
N LYS B 39 -13.90 1.81 -8.87
CA LYS B 39 -13.55 1.29 -10.19
C LYS B 39 -12.04 1.25 -10.30
N MET B 40 -11.43 2.42 -10.19
CA MET B 40 -9.98 2.57 -10.29
C MET B 40 -9.16 1.56 -9.47
N VAL B 41 -9.63 1.17 -8.27
CA VAL B 41 -8.87 0.18 -7.48
C VAL B 41 -9.43 -1.21 -7.80
N ARG B 42 -10.44 -1.25 -8.66
CA ARG B 42 -11.02 -2.51 -9.10
C ARG B 42 -11.73 -3.27 -7.98
N LEU B 43 -12.42 -2.52 -7.13
CA LEU B 43 -13.16 -3.09 -6.02
C LEU B 43 -14.65 -3.14 -6.35
N GLY B 44 -15.11 -4.30 -6.81
CA GLY B 44 -16.51 -4.45 -7.17
C GLY B 44 -17.11 -5.66 -6.48
N ASP B 45 -18.39 -5.93 -6.73
CA ASP B 45 -19.08 -7.08 -6.14
C ASP B 45 -18.21 -8.33 -5.98
N ALA B 46 -17.44 -8.65 -7.02
CA ALA B 46 -16.58 -9.81 -7.01
C ALA B 46 -15.52 -9.78 -5.92
N GLU B 47 -14.82 -8.65 -5.81
CA GLU B 47 -13.77 -8.47 -4.82
C GLU B 47 -14.31 -8.40 -3.41
N LEU B 48 -15.51 -7.86 -3.29
CA LEU B 48 -16.19 -7.69 -2.01
C LEU B 48 -16.74 -9.04 -1.50
N TYR B 49 -17.21 -9.86 -2.43
CA TYR B 49 -17.72 -11.19 -2.10
C TYR B 49 -16.54 -11.98 -1.58
N VAL B 50 -15.37 -11.72 -2.15
CA VAL B 50 -14.17 -12.39 -1.71
C VAL B 50 -13.79 -11.90 -0.31
N LEU B 51 -14.04 -10.62 -0.06
CA LEU B 51 -13.72 -10.09 1.25
C LEU B 51 -14.67 -10.68 2.28
N GLU B 52 -15.95 -10.73 1.96
CA GLU B 52 -16.94 -11.29 2.88
C GLU B 52 -16.53 -12.71 3.31
N GLN B 53 -16.17 -13.54 2.33
CA GLN B 53 -15.76 -14.91 2.62
C GLN B 53 -14.50 -14.96 3.47
N LEU B 54 -13.66 -13.94 3.37
CA LEU B 54 -12.44 -13.90 4.15
C LEU B 54 -12.69 -13.37 5.56
N GLN B 55 -13.86 -12.82 5.82
CA GLN B 55 -14.16 -12.28 7.14
C GLN B 55 -14.01 -13.28 8.29
N PRO B 56 -14.55 -14.50 8.12
CA PRO B 56 -14.46 -15.50 9.19
C PRO B 56 -13.02 -15.71 9.64
N LEU B 57 -12.11 -15.69 8.70
CA LEU B 57 -10.70 -15.90 8.99
C LEU B 57 -10.13 -14.73 9.76
N ILE B 58 -10.46 -13.52 9.28
CA ILE B 58 -10.01 -12.28 9.89
C ILE B 58 -10.42 -12.19 11.36
N GLN B 59 -11.55 -12.81 11.72
CA GLN B 59 -12.04 -12.76 13.09
C GLN B 59 -11.45 -13.78 14.07
N GLU B 60 -11.17 -15.01 13.62
CA GLU B 60 -10.59 -15.97 14.55
C GLU B 60 -9.12 -15.63 14.79
N ASN B 61 -8.65 -14.60 14.08
CA ASN B 61 -7.27 -14.14 14.16
C ASN B 61 -7.18 -12.66 14.49
N ILE B 62 -8.33 -12.03 14.70
CA ILE B 62 -8.35 -10.60 14.95
C ILE B 62 -7.57 -10.11 16.15
N VAL B 63 -7.46 -10.93 17.19
CA VAL B 63 -6.72 -10.51 18.36
C VAL B 63 -5.23 -10.52 18.13
N ASN B 64 -4.73 -11.55 17.45
CA ASN B 64 -3.31 -11.62 17.18
C ASN B 64 -2.93 -10.58 16.14
N ILE B 65 -3.82 -10.36 15.18
CA ILE B 65 -3.56 -9.36 14.16
C ILE B 65 -3.37 -8.01 14.83
N VAL B 66 -4.31 -7.66 15.69
CA VAL B 66 -4.29 -6.38 16.37
C VAL B 66 -3.23 -6.24 17.46
N ASP B 67 -2.96 -7.32 18.17
CA ASP B 67 -1.97 -7.25 19.23
C ASP B 67 -0.59 -7.09 18.62
N ALA B 68 -0.48 -7.46 17.34
CA ALA B 68 0.76 -7.33 16.60
C ALA B 68 0.84 -5.90 16.15
N PHE B 69 -0.22 -5.46 15.50
CA PHE B 69 -0.30 -4.10 15.02
C PHE B 69 0.31 -3.16 16.04
N TYR B 70 -0.21 -3.21 17.26
CA TYR B 70 0.27 -2.35 18.32
C TYR B 70 1.70 -2.67 18.73
N LYS B 71 2.11 -3.93 18.56
CA LYS B 71 3.48 -4.30 18.93
C LYS B 71 4.53 -3.61 18.06
N ASN B 72 4.22 -3.40 16.79
CA ASN B 72 5.15 -2.77 15.85
C ASN B 72 5.25 -1.26 15.97
N LEU B 73 4.40 -0.66 16.78
CA LEU B 73 4.44 0.79 16.93
C LEU B 73 5.56 1.29 17.84
N ASP B 74 6.40 0.39 18.37
CA ASP B 74 7.50 0.80 19.24
C ASP B 74 8.72 1.34 18.49
N HIS B 75 8.81 1.05 17.20
CA HIS B 75 9.92 1.53 16.38
C HIS B 75 9.90 3.05 16.36
N GLU B 76 8.87 3.62 16.98
CA GLU B 76 8.68 5.06 17.06
C GLU B 76 7.91 5.46 18.32
N SER B 77 8.65 5.79 19.37
CA SER B 77 8.08 6.18 20.66
C SER B 77 6.87 7.09 20.49
N SER B 78 7.06 8.21 19.80
CA SER B 78 5.98 9.17 19.58
C SER B 78 4.60 8.52 19.42
N LEU B 79 4.46 7.60 18.46
CA LEU B 79 3.19 6.92 18.23
C LEU B 79 2.58 6.44 19.55
N MET B 80 3.35 5.63 20.29
CA MET B 80 2.90 5.08 21.57
C MET B 80 2.49 6.20 22.54
N ASP B 81 3.18 7.33 22.44
CA ASP B 81 2.89 8.45 23.31
C ASP B 81 1.62 9.16 22.92
N ILE B 82 1.31 9.17 21.64
CA ILE B 82 0.08 9.81 21.17
C ILE B 82 -1.09 9.04 21.78
N ILE B 83 -0.99 7.72 21.75
CA ILE B 83 -2.04 6.85 22.28
C ILE B 83 -2.31 6.98 23.78
N ASN B 84 -1.28 6.87 24.60
CA ASN B 84 -1.43 6.95 26.06
C ASN B 84 -1.95 8.29 26.54
N ASP B 85 -2.02 9.25 25.63
CA ASP B 85 -2.52 10.56 26.00
C ASP B 85 -3.98 10.67 25.60
N HIS B 86 -4.26 10.48 24.31
CA HIS B 86 -5.62 10.57 23.81
C HIS B 86 -6.44 9.32 24.04
N SER B 87 -5.89 8.34 24.74
CA SER B 87 -6.62 7.10 24.98
C SER B 87 -5.79 6.10 25.77
N SER B 88 -5.90 4.83 25.39
CA SER B 88 -5.16 3.75 26.03
C SER B 88 -5.08 2.61 25.04
N VAL B 89 -4.10 1.75 25.24
CA VAL B 89 -3.90 0.61 24.37
C VAL B 89 -5.12 -0.30 24.25
N ASP B 90 -5.79 -0.55 25.37
CA ASP B 90 -6.94 -1.43 25.40
C ASP B 90 -8.15 -0.85 24.69
N ARG B 91 -8.28 0.48 24.75
CA ARG B 91 -9.40 1.17 24.10
C ARG B 91 -9.18 1.15 22.61
N LEU B 92 -7.93 1.34 22.22
CA LEU B 92 -7.57 1.37 20.82
C LEU B 92 -7.77 -0.01 20.17
N LYS B 93 -7.37 -1.05 20.88
CA LYS B 93 -7.51 -2.41 20.37
C LYS B 93 -8.98 -2.69 20.13
N GLN B 94 -9.78 -2.35 21.13
CA GLN B 94 -11.22 -2.55 21.08
C GLN B 94 -11.80 -1.99 19.79
N THR B 95 -11.28 -0.84 19.40
CA THR B 95 -11.72 -0.18 18.18
C THR B 95 -11.16 -0.94 16.98
N LEU B 96 -9.83 -1.01 16.89
CA LEU B 96 -9.16 -1.70 15.80
C LEU B 96 -9.83 -3.01 15.48
N LYS B 97 -9.94 -3.87 16.49
CA LYS B 97 -10.56 -5.17 16.31
C LYS B 97 -11.90 -5.01 15.63
N ARG B 98 -12.70 -4.08 16.12
CA ARG B 98 -14.01 -3.80 15.57
C ARG B 98 -13.91 -3.29 14.11
N HIS B 99 -13.08 -2.28 13.89
CA HIS B 99 -12.91 -1.69 12.56
C HIS B 99 -12.35 -2.69 11.51
N ILE B 100 -11.26 -3.38 11.84
CA ILE B 100 -10.68 -4.34 10.90
C ILE B 100 -11.70 -5.41 10.45
N GLN B 101 -12.51 -5.89 11.39
CA GLN B 101 -13.53 -6.90 11.09
C GLN B 101 -14.52 -6.35 10.09
N GLU B 102 -15.04 -5.17 10.37
CA GLU B 102 -16.00 -4.50 9.50
C GLU B 102 -15.48 -4.42 8.07
N MET B 103 -14.17 -4.22 7.93
CA MET B 103 -13.55 -4.11 6.63
C MET B 103 -13.81 -5.29 5.72
N PHE B 104 -14.18 -6.41 6.31
CA PHE B 104 -14.44 -7.60 5.53
C PHE B 104 -15.91 -7.93 5.47
N ALA B 105 -16.75 -6.94 5.75
CA ALA B 105 -18.20 -7.11 5.70
C ALA B 105 -18.63 -7.46 4.29
N GLY B 106 -17.96 -6.88 3.30
CA GLY B 106 -18.27 -7.16 1.91
C GLY B 106 -19.33 -6.28 1.28
N VAL B 107 -19.62 -5.14 1.90
CA VAL B 107 -20.62 -4.24 1.35
C VAL B 107 -20.38 -2.83 1.85
N ILE B 108 -19.81 -1.99 0.99
CA ILE B 108 -19.55 -0.61 1.38
C ILE B 108 -20.71 0.28 0.92
N ASP B 109 -21.33 0.91 1.92
CA ASP B 109 -22.44 1.83 1.70
C ASP B 109 -22.05 3.22 2.24
N ASP B 110 -23.01 4.14 2.33
CA ASP B 110 -22.76 5.49 2.82
C ASP B 110 -22.20 5.61 4.24
N GLU B 111 -22.68 4.75 5.15
CA GLU B 111 -22.21 4.78 6.53
C GLU B 111 -20.74 4.37 6.60
N PHE B 112 -20.40 3.33 5.85
CA PHE B 112 -19.04 2.83 5.81
C PHE B 112 -18.12 4.03 5.55
N ILE B 113 -18.43 4.76 4.48
CA ILE B 113 -17.65 5.91 4.10
C ILE B 113 -17.55 6.96 5.20
N GLU B 114 -18.68 7.28 5.85
CA GLU B 114 -18.64 8.28 6.91
C GLU B 114 -17.83 7.76 8.09
N LYS B 115 -17.82 6.44 8.29
CA LYS B 115 -17.07 5.84 9.38
C LYS B 115 -15.62 6.27 9.26
N ARG B 116 -15.09 6.18 8.05
CA ARG B 116 -13.72 6.56 7.79
C ARG B 116 -13.49 8.05 8.03
N ASN B 117 -14.46 8.88 7.69
CA ASN B 117 -14.32 10.31 7.93
C ASN B 117 -14.10 10.54 9.42
N ARG B 118 -14.82 9.79 10.26
CA ARG B 118 -14.66 9.94 11.70
C ARG B 118 -13.19 9.73 12.04
N ILE B 119 -12.61 8.65 11.51
CA ILE B 119 -11.22 8.32 11.76
C ILE B 119 -10.28 9.46 11.41
N ALA B 120 -10.39 9.90 10.17
CA ALA B 120 -9.57 10.99 9.68
C ALA B 120 -9.60 12.11 10.71
N SER B 121 -10.78 12.68 10.90
CA SER B 121 -10.97 13.78 11.86
C SER B 121 -10.17 13.61 13.14
N ILE B 122 -10.39 12.49 13.83
CA ILE B 122 -9.69 12.20 15.07
C ILE B 122 -8.17 12.13 14.86
N HIS B 123 -7.74 11.31 13.91
CA HIS B 123 -6.31 11.15 13.63
C HIS B 123 -5.57 12.44 13.46
N LEU B 124 -6.27 13.48 13.01
CA LEU B 124 -5.66 14.78 12.84
C LEU B 124 -5.58 15.44 14.22
N ARG B 125 -6.70 15.52 14.92
CA ARG B 125 -6.71 16.13 16.24
C ARG B 125 -5.58 15.59 17.10
N ILE B 126 -5.56 14.28 17.30
CA ILE B 126 -4.53 13.68 18.13
C ILE B 126 -3.13 14.04 17.64
N GLY B 127 -2.97 14.15 16.33
CA GLY B 127 -1.67 14.50 15.78
C GLY B 127 -0.88 13.35 15.17
N LEU B 128 -1.56 12.49 14.42
CA LEU B 128 -0.91 11.36 13.77
C LEU B 128 -0.51 11.73 12.33
N LEU B 129 0.80 11.83 12.10
CA LEU B 129 1.35 12.18 10.80
C LEU B 129 0.96 11.16 9.74
N PRO B 130 0.54 11.63 8.58
CA PRO B 130 0.13 10.76 7.47
C PRO B 130 1.15 9.68 7.13
N LYS B 131 2.42 9.91 7.45
CA LYS B 131 3.45 8.91 7.11
C LYS B 131 3.48 7.68 8.00
N TRP B 132 3.19 7.87 9.28
CA TRP B 132 3.18 6.77 10.25
C TRP B 132 1.89 6.01 10.07
N TYR B 133 0.83 6.78 9.89
CA TYR B 133 -0.48 6.20 9.66
C TYR B 133 -0.35 5.20 8.50
N MET B 134 0.23 5.64 7.40
CA MET B 134 0.40 4.80 6.23
C MET B 134 1.22 3.53 6.47
N GLY B 135 2.40 3.71 7.07
CA GLY B 135 3.28 2.59 7.34
C GLY B 135 2.70 1.62 8.32
N ALA B 136 1.59 2.02 8.94
CA ALA B 136 0.94 1.16 9.91
C ALA B 136 0.24 0.03 9.15
N PHE B 137 -0.46 0.37 8.08
CA PHE B 137 -1.16 -0.63 7.29
C PHE B 137 -0.28 -1.78 6.81
N GLN B 138 0.99 -1.50 6.59
CA GLN B 138 1.89 -2.54 6.13
C GLN B 138 1.91 -3.66 7.14
N GLU B 139 2.20 -3.35 8.39
CA GLU B 139 2.25 -4.39 9.44
C GLU B 139 0.97 -5.18 9.38
N LEU B 140 -0.14 -4.49 9.13
CA LEU B 140 -1.44 -5.13 9.05
C LEU B 140 -1.53 -6.02 7.81
N LEU B 141 -1.18 -5.48 6.65
CA LEU B 141 -1.24 -6.24 5.42
C LEU B 141 -0.49 -7.54 5.53
N LEU B 142 0.74 -7.46 6.03
CA LEU B 142 1.55 -8.65 6.19
C LEU B 142 0.84 -9.72 7.06
N SER B 143 0.17 -9.25 8.11
CA SER B 143 -0.56 -10.13 9.01
C SER B 143 -1.58 -10.94 8.27
N MET B 144 -2.35 -10.27 7.43
CA MET B 144 -3.39 -10.95 6.69
C MET B 144 -2.73 -11.87 5.68
N ILE B 145 -1.70 -11.39 5.00
CA ILE B 145 -0.99 -12.21 4.03
C ILE B 145 -0.48 -13.50 4.68
N ASP B 146 0.04 -13.38 5.89
CA ASP B 146 0.53 -14.55 6.62
C ASP B 146 -0.58 -15.58 6.82
N ILE B 147 -1.68 -15.13 7.43
CA ILE B 147 -2.85 -15.99 7.69
C ILE B 147 -3.28 -16.74 6.43
N TYR B 148 -3.38 -16.03 5.30
CA TYR B 148 -3.79 -16.65 4.05
C TYR B 148 -2.82 -17.76 3.64
N GLU B 149 -1.55 -17.41 3.49
CA GLU B 149 -0.51 -18.35 3.08
C GLU B 149 -0.51 -19.61 3.95
N ALA B 150 -1.18 -19.54 5.08
CA ALA B 150 -1.23 -20.69 5.99
C ALA B 150 -2.61 -21.33 6.00
N SER B 151 -3.58 -20.67 5.39
CA SER B 151 -4.94 -21.18 5.35
C SER B 151 -5.46 -21.43 3.94
N ILE B 152 -4.74 -20.97 2.93
CA ILE B 152 -5.21 -21.17 1.57
C ILE B 152 -4.16 -21.90 0.75
N THR B 153 -4.49 -23.11 0.30
CA THR B 153 -3.53 -23.90 -0.46
C THR B 153 -3.45 -23.61 -1.95
N ASN B 154 -4.60 -23.36 -2.56
CA ASN B 154 -4.64 -23.07 -3.98
C ASN B 154 -4.07 -21.68 -4.22
N GLN B 155 -2.96 -21.61 -4.97
CA GLN B 155 -2.30 -20.35 -5.28
C GLN B 155 -3.31 -19.31 -5.74
N GLN B 156 -4.17 -19.70 -6.68
CA GLN B 156 -5.18 -18.77 -7.17
C GLN B 156 -5.96 -18.16 -6.02
N GLU B 157 -6.63 -19.00 -5.23
CA GLU B 157 -7.40 -18.47 -4.12
C GLU B 157 -6.49 -17.64 -3.21
N LEU B 158 -5.20 -17.91 -3.25
CA LEU B 158 -4.24 -17.19 -2.42
C LEU B 158 -4.17 -15.76 -2.92
N LEU B 159 -3.91 -15.62 -4.22
CA LEU B 159 -3.83 -14.32 -4.82
C LEU B 159 -5.18 -13.59 -4.79
N LYS B 160 -6.23 -14.31 -5.16
CA LYS B 160 -7.55 -13.73 -5.16
C LYS B 160 -7.80 -13.03 -3.82
N ALA B 161 -7.43 -13.67 -2.72
CA ALA B 161 -7.64 -13.09 -1.40
C ALA B 161 -6.72 -11.92 -1.13
N ILE B 162 -5.50 -12.01 -1.63
CA ILE B 162 -4.48 -10.99 -1.46
C ILE B 162 -4.86 -9.67 -2.12
N LYS B 163 -5.25 -9.75 -3.39
CA LYS B 163 -5.62 -8.56 -4.13
C LYS B 163 -6.77 -7.83 -3.46
N ALA B 164 -7.82 -8.56 -3.10
CA ALA B 164 -8.98 -7.93 -2.47
C ALA B 164 -8.57 -7.14 -1.24
N THR B 165 -7.73 -7.77 -0.41
CA THR B 165 -7.26 -7.17 0.81
C THR B 165 -6.39 -5.97 0.51
N THR B 166 -5.75 -5.95 -0.66
CA THR B 166 -4.90 -4.80 -0.98
C THR B 166 -5.75 -3.64 -1.50
N LYS B 167 -6.94 -3.96 -2.01
CA LYS B 167 -7.84 -2.92 -2.52
C LYS B 167 -8.59 -2.24 -1.38
N ILE B 168 -9.21 -3.02 -0.50
CA ILE B 168 -9.97 -2.47 0.63
C ILE B 168 -9.02 -1.68 1.51
N LEU B 169 -7.79 -2.17 1.66
CA LEU B 169 -6.80 -1.46 2.48
C LEU B 169 -6.49 -0.10 1.84
N ASN B 170 -6.21 -0.12 0.54
CA ASN B 170 -5.90 1.10 -0.21
C ASN B 170 -7.10 2.05 -0.13
N LEU B 171 -8.31 1.51 -0.30
CA LEU B 171 -9.50 2.37 -0.22
C LEU B 171 -9.49 3.15 1.11
N GLU B 172 -9.19 2.47 2.21
CA GLU B 172 -9.16 3.15 3.51
C GLU B 172 -8.19 4.32 3.48
N GLN B 173 -6.97 4.04 3.04
CA GLN B 173 -5.95 5.06 2.95
C GLN B 173 -6.49 6.25 2.18
N GLN B 174 -7.26 5.98 1.13
CA GLN B 174 -7.82 7.08 0.33
C GLN B 174 -8.86 7.87 1.11
N LEU B 175 -9.68 7.15 1.86
CA LEU B 175 -10.76 7.75 2.62
C LEU B 175 -10.30 8.62 3.77
N VAL B 176 -9.30 8.13 4.49
CA VAL B 176 -8.79 8.83 5.64
C VAL B 176 -7.82 9.90 5.19
N LEU B 177 -7.55 9.96 3.90
CA LEU B 177 -6.61 10.95 3.42
C LEU B 177 -7.10 11.84 2.28
N GLU B 178 -8.40 12.08 2.18
CA GLU B 178 -8.88 12.94 1.09
C GLU B 178 -8.91 14.39 1.56
CHA HEM C . 5.41 14.08 -12.73
CHB HEM C . 5.78 9.86 -10.50
CHC HEM C . 1.00 9.63 -10.21
CHD HEM C . 0.69 13.48 -13.02
C1A HEM C . 5.92 12.99 -12.07
C2A HEM C . 7.33 12.73 -11.89
C3A HEM C . 7.43 11.53 -11.30
C4A HEM C . 6.08 11.04 -11.12
CMA HEM C . 8.70 10.80 -10.89
CAA HEM C . 8.48 13.59 -12.44
CBA HEM C . 9.33 14.28 -11.36
CGA HEM C . 10.44 15.14 -11.95
O1A HEM C . 11.30 15.63 -11.17
O2A HEM C . 10.48 15.35 -13.19
C1B HEM C . 4.51 9.42 -10.23
C2B HEM C . 4.20 8.16 -9.57
C3B HEM C . 2.86 8.06 -9.57
C4B HEM C . 2.34 9.31 -10.11
CMB HEM C . 5.17 7.20 -8.87
CAB HEM C . 2.15 6.90 -9.34
CBB HEM C . 1.38 6.73 -8.13
C1C HEM C . 0.49 10.73 -10.85
C2C HEM C . -0.92 10.91 -11.17
C3C HEM C . -1.00 11.93 -12.04
C4C HEM C . 0.36 12.41 -12.23
CMC HEM C . -2.11 10.09 -10.64
CAC HEM C . -2.13 12.35 -12.71
CBC HEM C . -2.90 13.50 -12.23
C1D HEM C . 1.94 13.98 -13.19
C2D HEM C . 2.24 15.18 -13.95
C3D HEM C . 3.57 15.37 -13.85
C4D HEM C . 4.08 14.30 -13.01
CMD HEM C . 1.24 16.09 -14.65
CAD HEM C . 4.39 16.42 -14.62
CBD HEM C . 4.09 17.87 -14.20
CGD HEM C . 4.84 18.92 -15.04
O1D HEM C . 4.95 20.08 -14.59
O2D HEM C . 5.31 18.58 -16.15
NA HEM C . 5.15 11.94 -11.58
NB HEM C . 3.36 10.12 -10.56
NC HEM C . 1.26 11.68 -11.49
ND HEM C . 3.07 13.44 -12.62
FE HEM C . 3.23 11.92 -11.57
CHA HEM D . -8.62 6.00 16.75
CHB HEM D . -8.25 3.09 12.96
CHC HEM D . -3.51 3.77 12.99
CHD HEM D . -3.85 6.14 17.07
C1A HEM D . -8.95 5.23 15.65
C2A HEM D . -10.30 4.74 15.38
C3A HEM D . -10.19 3.88 14.36
C4A HEM D . -8.77 3.85 13.98
CMA HEM D . -11.32 3.06 13.75
CAA HEM D . -11.58 5.21 16.04
CBA HEM D . -12.27 6.33 15.28
CGA HEM D . -13.57 6.80 15.94
O1A HEM D . -13.53 7.15 17.15
O2A HEM D . -14.62 6.81 15.25
C1B HEM D . -6.92 3.07 12.62
C2B HEM D . -6.37 2.26 11.54
C3B HEM D . -5.05 2.53 11.50
C4B HEM D . -4.78 3.44 12.59
CMB HEM D . -7.13 1.27 10.67
CAB HEM D . -4.15 2.13 10.53
CBB HEM D . -3.89 0.73 10.25
C1C HEM D . -3.17 4.50 14.09
C2C HEM D . -1.82 4.71 14.56
C3C HEM D . -1.93 5.40 15.71
C4C HEM D . -3.34 5.55 15.97
CMC HEM D . -0.53 4.24 13.90
CAC HEM D . -0.89 5.99 16.41
CBC HEM D . -0.09 5.27 17.37
C1D HEM D . -5.19 6.34 17.32
C2D HEM D . -5.70 7.02 18.48
C3D HEM D . -7.03 7.02 18.38
C4D HEM D . -7.34 6.32 17.14
CMD HEM D . -4.87 7.68 19.59
CAD HEM D . -8.00 7.76 19.30
CBD HEM D . -8.91 6.84 20.11
CGD HEM D . -9.64 7.61 21.20
O1D HEM D . -10.08 8.75 20.94
O2D HEM D . -9.79 7.07 22.33
NA HEM D . -8.02 4.69 14.77
NB HEM D . -5.93 3.79 13.25
NC HEM D . -4.10 5.04 14.95
ND HEM D . -6.20 5.92 16.48
FE HEM D . -6.20 5.06 14.72
#